data_6PO6
# 
_entry.id   6PO6 
# 
_audit_conform.dict_name       mmcif_pdbx.dic 
_audit_conform.dict_version    5.381 
_audit_conform.dict_location   http://mmcif.pdb.org/dictionaries/ascii/mmcif_pdbx.dic 
# 
loop_
_database_2.database_id 
_database_2.database_code 
_database_2.pdbx_database_accession 
_database_2.pdbx_DOI 
PDB   6PO6         pdb_00006po6 10.2210/pdb6po6/pdb 
WWPDB D_1000242762 ?            ?                   
EMDB  EMD-20411    ?            ?                   
# 
_pdbx_database_related.db_name        EMDB 
_pdbx_database_related.details        'MicroED Structure of a Natural Product VPAThiaGlu' 
_pdbx_database_related.db_id          EMD-20411 
_pdbx_database_related.content_type   'associated EM volume' 
# 
_pdbx_database_status.status_code                     REL 
_pdbx_database_status.status_code_sf                  REL 
_pdbx_database_status.status_code_mr                  ? 
_pdbx_database_status.entry_id                        6PO6 
_pdbx_database_status.recvd_initial_deposition_date   2019-07-03 
_pdbx_database_status.SG_entry                        N 
_pdbx_database_status.deposit_site                    RCSB 
_pdbx_database_status.process_site                    RCSB 
_pdbx_database_status.status_code_cs                  ? 
_pdbx_database_status.methods_development_category    ? 
_pdbx_database_status.pdb_format_compatible           Y 
_pdbx_database_status.status_code_nmr_data            ? 
# 
loop_
_audit_author.name 
_audit_author.pdbx_ordinal 
_audit_author.identifier_ORCID 
'Halaby, S.'         1 ? 
'Gonen, T.'          2 ? 
'Ting, C.P.'         3 ? 
'Funk, M.A.'         4 ? 
'van der Donk, W.A.' 5 ? 
# 
_citation.abstract                  ? 
_citation.abstract_id_CAS           ? 
_citation.book_id_ISBN              ? 
_citation.book_publisher            ? 
_citation.book_publisher_city       ? 
_citation.book_title                ? 
_citation.coordinate_linkage        ? 
_citation.country                   US 
_citation.database_id_Medline       ? 
_citation.details                   ? 
_citation.id                        primary 
_citation.journal_abbrev            Science 
_citation.journal_id_ASTM           SCIEAS 
_citation.journal_id_CSD            0038 
_citation.journal_id_ISSN           1095-9203 
_citation.journal_full              ? 
_citation.journal_issue             ? 
_citation.journal_volume            365 
_citation.language                  ? 
_citation.page_first                280 
_citation.page_last                 284 
_citation.title                     'Use of a scaffold peptide in the biosynthesis of amino acid-derived natural products.' 
_citation.year                      2019 
_citation.database_id_CSD           ? 
_citation.pdbx_database_id_DOI      10.1126/science.aau6232 
_citation.pdbx_database_id_PubMed   31320540 
_citation.unpublished_flag          ? 
# 
loop_
_citation_author.citation_id 
_citation_author.name 
_citation_author.ordinal 
_citation_author.identifier_ORCID 
primary 'Ting, C.P.'         1 0000-0003-1386-1902 
primary 'Funk, M.A.'         2 0000-0003-1898-9008 
primary 'Halaby, S.L.'       3 0000-0001-7724-8176 
primary 'Zhang, Z.'          4 0000-0003-3993-1163 
primary 'Gonen, T.'          5 0000-0002-9254-4069 
primary 'van der Donk, W.A.' 6 0000-0002-5467-7071 
# 
_cell.angle_alpha                  90.000 
_cell.angle_alpha_esd              ? 
_cell.angle_beta                   94.000 
_cell.angle_beta_esd               ? 
_cell.angle_gamma                  90.000 
_cell.angle_gamma_esd              ? 
_cell.entry_id                     6PO6 
_cell.details                      ? 
_cell.formula_units_Z              ? 
_cell.length_a                     9.660 
_cell.length_a_esd                 ? 
_cell.length_b                     9.580 
_cell.length_b_esd                 ? 
_cell.length_c                     12.140 
_cell.length_c_esd                 ? 
_cell.volume                       ? 
_cell.volume_esd                   ? 
_cell.Z_PDB                        2 
_cell.reciprocal_angle_alpha       ? 
_cell.reciprocal_angle_beta        ? 
_cell.reciprocal_angle_gamma       ? 
_cell.reciprocal_angle_alpha_esd   ? 
_cell.reciprocal_angle_beta_esd    ? 
_cell.reciprocal_angle_gamma_esd   ? 
_cell.reciprocal_length_a          ? 
_cell.reciprocal_length_b          ? 
_cell.reciprocal_length_c          ? 
_cell.reciprocal_length_a_esd      ? 
_cell.reciprocal_length_b_esd      ? 
_cell.reciprocal_length_c_esd      ? 
_cell.pdbx_unique_axis             ? 
# 
_symmetry.entry_id                         6PO6 
_symmetry.cell_setting                     ? 
_symmetry.Int_Tables_number                4 
_symmetry.space_group_name_Hall            ? 
_symmetry.space_group_name_H-M             'P 1 21 1' 
_symmetry.pdbx_full_space_group_name_H-M   ? 
# 
loop_
_entity.id 
_entity.type 
_entity.src_method 
_entity.pdbx_description 
_entity.formula_weight 
_entity.pdbx_number_of_molecules 
_entity.pdbx_ec 
_entity.pdbx_mutation 
_entity.pdbx_fragment 
_entity.details 
1 polymer nat YFAThiaGlu 482.550 1 ? ? ? ? 
2 water   nat water      18.015  1 ? ? ? ? 
# 
_entity_poly.entity_id                      1 
_entity_poly.type                           'polypeptide(L)' 
_entity_poly.nstd_linkage                   no 
_entity_poly.nstd_monomer                   yes 
_entity_poly.pdbx_seq_one_letter_code       'VFA(OV7)' 
_entity_poly.pdbx_seq_one_letter_code_can   VFAX 
_entity_poly.pdbx_strand_id                 A 
_entity_poly.pdbx_target_identifier         ? 
# 
loop_
_entity_poly_seq.entity_id 
_entity_poly_seq.num 
_entity_poly_seq.mon_id 
_entity_poly_seq.hetero 
1 1 VAL n 
1 2 PHE n 
1 3 ALA n 
1 4 OV7 n 
# 
_entity_src_nat.entity_id                  1 
_entity_src_nat.pdbx_src_id                1 
_entity_src_nat.pdbx_alt_source_flag       sample 
_entity_src_nat.pdbx_beg_seq_num           1 
_entity_src_nat.pdbx_end_seq_num           4 
_entity_src_nat.common_name                ? 
_entity_src_nat.pdbx_organism_scientific   'Pseudomonas syringae' 
_entity_src_nat.pdbx_ncbi_taxonomy_id      317 
_entity_src_nat.genus                      ? 
_entity_src_nat.species                    ? 
_entity_src_nat.strain                     ? 
_entity_src_nat.tissue                     ? 
_entity_src_nat.tissue_fraction            ? 
_entity_src_nat.pdbx_secretion             ? 
_entity_src_nat.pdbx_fragment              ? 
_entity_src_nat.pdbx_variant               ? 
_entity_src_nat.pdbx_cell_line             ? 
_entity_src_nat.pdbx_atcc                  ? 
_entity_src_nat.pdbx_cellular_location     ? 
_entity_src_nat.pdbx_organ                 ? 
_entity_src_nat.pdbx_organelle             ? 
_entity_src_nat.pdbx_cell                  ? 
_entity_src_nat.pdbx_plasmid_name          ? 
_entity_src_nat.pdbx_plasmid_details       ? 
_entity_src_nat.details                    ? 
# 
_struct_ref.id                         1 
_struct_ref.db_name                    PDB 
_struct_ref.db_code                    6PO6 
_struct_ref.pdbx_db_accession          6PO6 
_struct_ref.pdbx_db_isoform            ? 
_struct_ref.entity_id                  1 
_struct_ref.pdbx_seq_one_letter_code   ? 
_struct_ref.pdbx_align_begin           1 
# 
_struct_ref_seq.align_id                      1 
_struct_ref_seq.ref_id                        1 
_struct_ref_seq.pdbx_PDB_id_code              6PO6 
_struct_ref_seq.pdbx_strand_id                A 
_struct_ref_seq.seq_align_beg                 1 
_struct_ref_seq.pdbx_seq_align_beg_ins_code   ? 
_struct_ref_seq.seq_align_end                 4 
_struct_ref_seq.pdbx_seq_align_end_ins_code   ? 
_struct_ref_seq.pdbx_db_accession             6PO6 
_struct_ref_seq.db_align_beg                  1 
_struct_ref_seq.pdbx_db_align_beg_ins_code    ? 
_struct_ref_seq.db_align_end                  4 
_struct_ref_seq.pdbx_db_align_end_ins_code    ? 
_struct_ref_seq.pdbx_auth_seq_align_beg       1 
_struct_ref_seq.pdbx_auth_seq_align_end       4 
# 
loop_
_chem_comp.id 
_chem_comp.type 
_chem_comp.mon_nstd_flag 
_chem_comp.name 
_chem_comp.pdbx_synonyms 
_chem_comp.formula 
_chem_comp.formula_weight 
ALA 'L-peptide linking' y ALANINE                                          ? 'C3 H7 N O2'   89.093  
HOH non-polymer         . WATER                                            ? 'H2 O'         18.015  
OV7 'D-peptide linking' . '(2R)-amino[(carboxymethyl)sulfanyl]acetic acid' ? 'C4 H7 N O4 S' 165.168 
PHE 'L-peptide linking' y PHENYLALANINE                                    ? 'C9 H11 N O2'  165.189 
VAL 'L-peptide linking' y VALINE                                           ? 'C5 H11 N O2'  117.146 
# 
_exptl.absorpt_coefficient_mu     ? 
_exptl.absorpt_correction_T_max   ? 
_exptl.absorpt_correction_T_min   ? 
_exptl.absorpt_correction_type    ? 
_exptl.absorpt_process_details    ? 
_exptl.entry_id                   6PO6 
_exptl.crystals_number            ? 
_exptl.details                    ? 
_exptl.method                     'ELECTRON CRYSTALLOGRAPHY' 
_exptl.method_details             ? 
# 
_reflns.B_iso_Wilson_estimate            5.908 
_reflns.entry_id                         6PO6 
_reflns.data_reduction_details           ? 
_reflns.data_reduction_method            ? 
_reflns.d_resolution_high                1.000 
_reflns.d_resolution_low                 ? 
_reflns.details                          ? 
_reflns.limit_h_max                      ? 
_reflns.limit_h_min                      ? 
_reflns.limit_k_max                      ? 
_reflns.limit_k_min                      ? 
_reflns.limit_l_max                      ? 
_reflns.limit_l_min                      ? 
_reflns.number_all                       ? 
_reflns.number_obs                       2262 
_reflns.observed_criterion               ? 
_reflns.observed_criterion_F_max         ? 
_reflns.observed_criterion_F_min         ? 
_reflns.observed_criterion_I_max         ? 
_reflns.observed_criterion_I_min         ? 
_reflns.observed_criterion_sigma_F       ? 
_reflns.observed_criterion_sigma_I       -3.000 
_reflns.percent_possible_obs             95.800 
_reflns.R_free_details                   ? 
_reflns.Rmerge_F_all                     ? 
_reflns.Rmerge_F_obs                     ? 
_reflns.Friedel_coverage                 ? 
_reflns.number_gt                        ? 
_reflns.threshold_expression             ? 
_reflns.pdbx_redundancy                  ? 
_reflns.pdbx_Rmerge_I_obs                0.216 
_reflns.pdbx_Rmerge_I_all                ? 
_reflns.pdbx_Rsym_value                  ? 
_reflns.pdbx_netI_over_av_sigmaI         ? 
_reflns.pdbx_netI_over_sigmaI            3.740 
_reflns.pdbx_res_netI_over_av_sigmaI_2   ? 
_reflns.pdbx_res_netI_over_sigmaI_2      ? 
_reflns.pdbx_chi_squared                 0.838 
_reflns.pdbx_scaling_rejects             ? 
_reflns.pdbx_d_res_high_opt              ? 
_reflns.pdbx_d_res_low_opt               ? 
_reflns.pdbx_d_res_opt_method            ? 
_reflns.phase_calculation_details        ? 
_reflns.pdbx_Rrim_I_all                  0.270 
_reflns.pdbx_Rpim_I_all                  ? 
_reflns.pdbx_d_opt                       ? 
_reflns.pdbx_number_measured_all         5689 
_reflns.pdbx_diffrn_id                   1 
_reflns.pdbx_ordinal                     1 
_reflns.pdbx_CC_half                     0.927 
_reflns.pdbx_R_split                     ? 
# 
loop_
_reflns_shell.d_res_high 
_reflns_shell.d_res_low 
_reflns_shell.meanI_over_sigI_all 
_reflns_shell.meanI_over_sigI_obs 
_reflns_shell.number_measured_all 
_reflns_shell.number_measured_obs 
_reflns_shell.number_possible 
_reflns_shell.number_unique_all 
_reflns_shell.number_unique_obs 
_reflns_shell.percent_possible_all 
_reflns_shell.percent_possible_obs 
_reflns_shell.Rmerge_F_all 
_reflns_shell.Rmerge_F_obs 
_reflns_shell.Rmerge_I_all 
_reflns_shell.Rmerge_I_obs 
_reflns_shell.meanI_over_sigI_gt 
_reflns_shell.meanI_over_uI_all 
_reflns_shell.meanI_over_uI_gt 
_reflns_shell.number_measured_gt 
_reflns_shell.number_unique_gt 
_reflns_shell.percent_possible_gt 
_reflns_shell.Rmerge_F_gt 
_reflns_shell.Rmerge_I_gt 
_reflns_shell.pdbx_redundancy 
_reflns_shell.pdbx_Rsym_value 
_reflns_shell.pdbx_chi_squared 
_reflns_shell.pdbx_netI_over_sigmaI_all 
_reflns_shell.pdbx_netI_over_sigmaI_obs 
_reflns_shell.pdbx_Rrim_I_all 
_reflns_shell.pdbx_Rpim_I_all 
_reflns_shell.pdbx_rejects 
_reflns_shell.pdbx_ordinal 
_reflns_shell.pdbx_diffrn_id 
_reflns_shell.pdbx_CC_half 
_reflns_shell.pdbx_R_split 
1.000 1.040 ? 2.040 ? 777 319 ? 308 96.600 ? ? ? ? 0.405 ? ? ? ? ? ? ? ? ? ? ? ? ? 0.507 ? 0 1  1 0.614 ? 
1.040 1.100 ? 2.490 ? 638 262 ? 247 94.300 ? ? ? ? 0.318 ? ? ? ? ? ? ? ? ? ? ? ? ? 0.395 ? 0 2  1 0.704 ? 
1.100 1.150 ? 3.220 ? 584 242 ? 234 96.700 ? ? ? ? 0.226 ? ? ? ? ? ? ? ? ? ? ? ? ? 0.284 ? 0 3  1 0.876 ? 
1.150 1.220 ? 3.220 ? 631 263 ? 249 94.700 ? ? ? ? 0.256 ? ? ? ? ? ? ? ? ? ? ? ? ? 0.317 ? 0 4  1 0.874 ? 
1.220 1.310 ? 3.290 ? 509 214 ? 206 96.300 ? ? ? ? 0.276 ? ? ? ? ? ? ? ? ? ? ? ? ? 0.346 ? 0 5  1 0.747 ? 
1.310 1.410 ? 3.910 ? 552 228 ? 214 93.900 ? ? ? ? 0.231 ? ? ? ? ? ? ? ? ? ? ? ? ? 0.289 ? 0 6  1 0.851 ? 
1.410 1.550 ? 4.220 ? 482 202 ? 197 97.500 ? ? ? ? 0.215 ? ? ? ? ? ? ? ? ? ? ? ? ? 0.270 ? 0 7  1 0.850 ? 
1.550 1.730 ? 4.830 ? 444 181 ? 175 96.700 ? ? ? ? 0.231 ? ? ? ? ? ? ? ? ? ? ? ? ? 0.285 ? 0 8  1 0.841 ? 
1.730 2.000 ? 5.310 ? 370 158 ? 150 94.900 ? ? ? ? 0.175 ? ? ? ? ? ? ? ? ? ? ? ? ? 0.222 ? 0 9  1 0.906 ? 
2.000 2.450 ? 5.880 ? 332 136 ? 130 95.600 ? ? ? ? 0.171 ? ? ? ? ? ? ? ? ? ? ? ? ? 0.211 ? 0 10 1 0.934 ? 
2.450 3.460 ? 5.970 ? 240 101 ? 99  98.000 ? ? ? ? 0.166 ? ? ? ? ? ? ? ? ? ? ? ? ? 0.211 ? 0 11 1 0.885 ? 
3.460 ?     ? 5.950 ? 130 55  ? 53  96.400 ? ? ? ? 0.195 ? ? ? ? ? ? ? ? ? ? ? ? ? 0.241 ? 0 12 1 0.949 ? 
# 
_refine.aniso_B[1][1]                            ? 
_refine.aniso_B[1][2]                            ? 
_refine.aniso_B[1][3]                            ? 
_refine.aniso_B[2][2]                            ? 
_refine.aniso_B[2][3]                            ? 
_refine.aniso_B[3][3]                            ? 
_refine.B_iso_max                                8.690 
_refine.B_iso_mean                               3.7459 
_refine.B_iso_min                                1.700 
_refine.correlation_coeff_Fo_to_Fc               ? 
_refine.correlation_coeff_Fo_to_Fc_free          ? 
_refine.details                                  ? 
_refine.diff_density_max                         ? 
_refine.diff_density_max_esd                     ? 
_refine.diff_density_min                         ? 
_refine.diff_density_min_esd                     ? 
_refine.diff_density_rms                         ? 
_refine.diff_density_rms_esd                     ? 
_refine.entry_id                                 6PO6 
_refine.pdbx_refine_id                           'ELECTRON CRYSTALLOGRAPHY' 
_refine.ls_abs_structure_details                 ? 
_refine.ls_abs_structure_Flack                   ? 
_refine.ls_abs_structure_Flack_esd               ? 
_refine.ls_abs_structure_Rogers                  ? 
_refine.ls_abs_structure_Rogers_esd              ? 
_refine.ls_d_res_high                            1.0 
_refine.ls_d_res_low                             12.11 
_refine.ls_extinction_coef                       ? 
_refine.ls_extinction_coef_esd                   ? 
_refine.ls_extinction_expression                 ? 
_refine.ls_extinction_method                     ? 
_refine.ls_goodness_of_fit_all                   ? 
_refine.ls_goodness_of_fit_all_esd               ? 
_refine.ls_goodness_of_fit_obs                   ? 
_refine.ls_goodness_of_fit_obs_esd               ? 
_refine.ls_hydrogen_treatment                    ? 
_refine.ls_matrix_type                           ? 
_refine.ls_number_constraints                    ? 
_refine.ls_number_parameters                     ? 
_refine.ls_number_reflns_all                     ? 
_refine.ls_number_reflns_obs                     2262 
_refine.ls_number_reflns_R_free                  ? 
_refine.ls_number_reflns_R_work                  ? 
_refine.ls_number_restraints                     ? 
_refine.ls_percent_reflns_obs                    95.8 
_refine.ls_percent_reflns_R_free                 ? 
_refine.ls_R_factor_all                          ? 
_refine.ls_R_factor_obs                          ? 
_refine.ls_R_factor_R_free                       ? 
_refine.ls_R_factor_R_free_error                 ? 
_refine.ls_R_factor_R_free_error_details         ? 
_refine.ls_R_factor_R_work                       ? 
_refine.ls_R_Fsqd_factor_obs                     ? 
_refine.ls_R_I_factor_obs                        ? 
_refine.ls_redundancy_reflns_all                 ? 
_refine.ls_redundancy_reflns_obs                 ? 
_refine.ls_restrained_S_all                      ? 
_refine.ls_restrained_S_obs                      ? 
_refine.ls_shift_over_esd_max                    ? 
_refine.ls_shift_over_esd_mean                   ? 
_refine.ls_structure_factor_coef                 ? 
_refine.ls_weighting_details                     ? 
_refine.ls_weighting_scheme                      ? 
_refine.ls_wR_factor_all                         ? 
_refine.ls_wR_factor_obs                         ? 
_refine.ls_wR_factor_R_free                      ? 
_refine.ls_wR_factor_R_work                      ? 
_refine.occupancy_max                            ? 
_refine.occupancy_min                            ? 
_refine.solvent_model_details                    ? 
_refine.solvent_model_param_bsol                 ? 
_refine.solvent_model_param_ksol                 ? 
_refine.ls_R_factor_gt                           ? 
_refine.ls_goodness_of_fit_gt                    ? 
_refine.ls_goodness_of_fit_ref                   ? 
_refine.ls_shift_over_su_max                     ? 
_refine.ls_shift_over_su_max_lt                  ? 
_refine.ls_shift_over_su_mean                    ? 
_refine.ls_shift_over_su_mean_lt                 ? 
_refine.pdbx_ls_sigma_I                          ? 
_refine.pdbx_ls_sigma_F                          ? 
_refine.pdbx_ls_sigma_Fsqd                       ? 
_refine.pdbx_data_cutoff_high_absF               ? 
_refine.pdbx_data_cutoff_high_rms_absF           ? 
_refine.pdbx_data_cutoff_low_absF                ? 
_refine.pdbx_isotropic_thermal_model             ? 
_refine.pdbx_ls_cross_valid_method               NONE 
_refine.pdbx_method_to_determine_struct          AB_INITIO 
_refine.pdbx_starting_model                      ? 
_refine.pdbx_stereochemistry_target_values       ? 
_refine.pdbx_R_Free_selection_details            ? 
_refine.pdbx_stereochem_target_val_spec_case     ? 
_refine.pdbx_overall_ESU_R                       ? 
_refine.pdbx_overall_ESU_R_Free                  ? 
_refine.pdbx_solvent_vdw_probe_radii             ? 
_refine.pdbx_solvent_ion_probe_radii             ? 
_refine.pdbx_solvent_shrinkage_radii             ? 
_refine.pdbx_real_space_R                        ? 
_refine.pdbx_density_correlation                 ? 
_refine.pdbx_pd_number_of_powder_patterns        ? 
_refine.pdbx_pd_number_of_points                 ? 
_refine.pdbx_pd_meas_number_of_points            ? 
_refine.pdbx_pd_proc_ls_prof_R_factor            ? 
_refine.pdbx_pd_proc_ls_prof_wR_factor           ? 
_refine.pdbx_pd_Marquardt_correlation_coeff      ? 
_refine.pdbx_pd_Fsqrd_R_factor                   ? 
_refine.pdbx_pd_ls_matrix_band_width             ? 
_refine.pdbx_overall_phase_error                 ? 
_refine.pdbx_overall_SU_R_free_Cruickshank_DPI   ? 
_refine.pdbx_overall_SU_R_free_Blow_DPI          ? 
_refine.pdbx_overall_SU_R_Blow_DPI               ? 
_refine.pdbx_TLS_residual_ADP_flag               ? 
_refine.pdbx_diffrn_id                           1 
_refine.overall_SU_B                             ? 
_refine.overall_SU_ML                            ? 
_refine.overall_SU_R_Cruickshank_DPI             ? 
_refine.overall_SU_R_free                        ? 
_refine.overall_FOM_free_R_set                   ? 
_refine.overall_FOM_work_R_set                   ? 
_refine.pdbx_average_fsc_overall                 ? 
_refine.pdbx_average_fsc_work                    ? 
_refine.pdbx_average_fsc_free                    ? 
# 
_struct.entry_id                     6PO6 
_struct.title                        'MicroED Structure of a Natural Product VFAThiaGlu' 
_struct.pdbx_model_details           ? 
_struct.pdbx_formula_weight          ? 
_struct.pdbx_formula_weight_method   ? 
_struct.pdbx_model_type_details      ? 
_struct.pdbx_CASP_flag               N 
# 
_struct_keywords.entry_id        6PO6 
_struct_keywords.text            
'Ribosomal synthesized small peptide, MicroED, microcrystal electron diffraction, UNKNOWN FUNCTION' 
_struct_keywords.pdbx_keywords   'UNKNOWN FUNCTION' 
# 
loop_
_struct_asym.id 
_struct_asym.pdbx_blank_PDB_chainid_flag 
_struct_asym.pdbx_modified 
_struct_asym.entity_id 
_struct_asym.details 
A N N 1 ? 
B N N 2 ? 
# 
_struct_conn.id                            covale1 
_struct_conn.conn_type_id                  covale 
_struct_conn.pdbx_leaving_atom_flag        both 
_struct_conn.pdbx_PDB_id                   ? 
_struct_conn.ptnr1_label_asym_id           A 
_struct_conn.ptnr1_label_comp_id           ALA 
_struct_conn.ptnr1_label_seq_id            3 
_struct_conn.ptnr1_label_atom_id           C 
_struct_conn.pdbx_ptnr1_label_alt_id       ? 
_struct_conn.pdbx_ptnr1_PDB_ins_code       ? 
_struct_conn.pdbx_ptnr1_standard_comp_id   ? 
_struct_conn.ptnr1_symmetry                1_555 
_struct_conn.ptnr2_label_asym_id           A 
_struct_conn.ptnr2_label_comp_id           OV7 
_struct_conn.ptnr2_label_seq_id            4 
_struct_conn.ptnr2_label_atom_id           N 
_struct_conn.pdbx_ptnr2_label_alt_id       ? 
_struct_conn.pdbx_ptnr2_PDB_ins_code       ? 
_struct_conn.ptnr1_auth_asym_id            A 
_struct_conn.ptnr1_auth_comp_id            ALA 
_struct_conn.ptnr1_auth_seq_id             3 
_struct_conn.ptnr2_auth_asym_id            A 
_struct_conn.ptnr2_auth_comp_id            OV7 
_struct_conn.ptnr2_auth_seq_id             4 
_struct_conn.ptnr2_symmetry                1_555 
_struct_conn.pdbx_ptnr3_label_atom_id      ? 
_struct_conn.pdbx_ptnr3_label_seq_id       ? 
_struct_conn.pdbx_ptnr3_label_comp_id      ? 
_struct_conn.pdbx_ptnr3_label_asym_id      ? 
_struct_conn.pdbx_ptnr3_label_alt_id       ? 
_struct_conn.pdbx_ptnr3_PDB_ins_code       ? 
_struct_conn.details                       ? 
_struct_conn.pdbx_dist_value               1.343 
_struct_conn.pdbx_value_order              ? 
_struct_conn.pdbx_role                     ? 
# 
_struct_conn_type.id          covale 
_struct_conn_type.criteria    ? 
_struct_conn_type.reference   ? 
# 
_atom_sites.entry_id                    6PO6 
_atom_sites.Cartn_transf_matrix[1][1]   ? 
_atom_sites.Cartn_transf_matrix[1][2]   ? 
_atom_sites.Cartn_transf_matrix[1][3]   ? 
_atom_sites.Cartn_transf_matrix[2][1]   ? 
_atom_sites.Cartn_transf_matrix[2][2]   ? 
_atom_sites.Cartn_transf_matrix[2][3]   ? 
_atom_sites.Cartn_transf_matrix[3][1]   ? 
_atom_sites.Cartn_transf_matrix[3][2]   ? 
_atom_sites.Cartn_transf_matrix[3][3]   ? 
_atom_sites.Cartn_transf_vector[1]      ? 
_atom_sites.Cartn_transf_vector[2]      ? 
_atom_sites.Cartn_transf_vector[3]      ? 
_atom_sites.fract_transf_matrix[1][1]   -0.04637281 
_atom_sites.fract_transf_matrix[1][2]   0.07304267 
_atom_sites.fract_transf_matrix[1][3]   0.05729831 
_atom_sites.fract_transf_matrix[2][1]   -0.03766024 
_atom_sites.fract_transf_matrix[2][2]   0.04415347 
_atom_sites.fract_transf_matrix[2][3]   -0.08676518 
_atom_sites.fract_transf_matrix[3][1]   -0.07000480 
_atom_sites.fract_transf_matrix[3][2]   -0.04295239 
_atom_sites.fract_transf_matrix[3][3]   0.00852762 
_atom_sites.fract_transf_vector[1]      0.505743 
_atom_sites.fract_transf_vector[2]      0.577217 
_atom_sites.fract_transf_vector[3]      0.470934 
_atom_sites.solution_primary            ? 
_atom_sites.solution_secondary          ? 
_atom_sites.solution_hydrogens          ? 
_atom_sites.special_details             ? 
# 
loop_
_atom_type.symbol 
C 
N 
O 
S 
# 
loop_
_atom_site.group_PDB 
_atom_site.id 
_atom_site.type_symbol 
_atom_site.label_atom_id 
_atom_site.label_alt_id 
_atom_site.label_comp_id 
_atom_site.label_asym_id 
_atom_site.label_entity_id 
_atom_site.label_seq_id 
_atom_site.pdbx_PDB_ins_code 
_atom_site.Cartn_x 
_atom_site.Cartn_y 
_atom_site.Cartn_z 
_atom_site.occupancy 
_atom_site.B_iso_or_equiv 
_atom_site.pdbx_formal_charge 
_atom_site.auth_seq_id 
_atom_site.auth_comp_id 
_atom_site.auth_asym_id 
_atom_site.auth_atom_id 
_atom_site.pdbx_PDB_model_num 
ATOM   1  N N   . VAL A 1 1 ? -5.164 -1.203 2.709  1.00 6.49 ? 1   VAL A N   1 
ATOM   2  C CA  . VAL A 1 1 ? -4.566 -0.588 1.464  1.00 2.55 ? 1   VAL A CA  1 
ATOM   3  C C   . VAL A 1 1 ? -3.208 -1.300 1.285  1.00 2.40 ? 1   VAL A C   1 
ATOM   4  O O   . VAL A 1 1 ? -2.674 -1.867 2.274  1.00 3.07 ? 1   VAL A O   1 
ATOM   5  C CB  . VAL A 1 1 ? -4.475 0.712  1.370  1.00 4.31 ? 1   VAL A CB  1 
ATOM   6  C CG1 . VAL A 1 1 ? -5.679 1.548  1.667  1.00 2.74 ? 1   VAL A CG1 1 
ATOM   7  C CG2 . VAL A 1 1 ? -3.273 1.297  2.184  1.00 5.25 ? 1   VAL A CG2 1 
ATOM   8  N N   . PHE A 1 2 ? -2.724 -1.360 0.075  1.00 3.07 ? 2   PHE A N   1 
ATOM   9  C CA  . PHE A 1 2 ? -1.286 -1.460 -0.162 1.00 2.33 ? 2   PHE A CA  1 
ATOM   10 C C   . PHE A 1 2 ? -0.608 -0.061 -0.447 1.00 3.39 ? 2   PHE A C   1 
ATOM   11 O O   . PHE A 1 2 ? -1.202 0.562  -1.327 1.00 2.08 ? 2   PHE A O   1 
ATOM   12 C CB  . PHE A 1 2 ? -1.173 -2.498 -1.304 1.00 3.25 ? 2   PHE A CB  1 
ATOM   13 C CG  . PHE A 1 2 ? 0.337  -2.536 -1.625 1.00 2.95 ? 2   PHE A CG  1 
ATOM   14 C CD1 . PHE A 1 2 ? 1.059  -3.397 -0.838 1.00 1.90 ? 2   PHE A CD1 1 
ATOM   15 C CD2 . PHE A 1 2 ? 0.824  -2.014 -2.638 1.00 3.02 ? 2   PHE A CD2 1 
ATOM   16 C CE1 . PHE A 1 2 ? 2.549  -3.286 -1.169 1.00 3.36 ? 2   PHE A CE1 1 
ATOM   17 C CE2 . PHE A 1 2 ? 2.214  -1.824 -3.001 1.00 1.70 ? 2   PHE A CE2 1 
ATOM   18 C CZ  . PHE A 1 2 ? 2.976  -2.692 -2.246 1.00 2.74 ? 2   PHE A CZ  1 
ATOM   19 N N   . ALA A 1 3 ? 0.436  0.144  0.113  1.00 2.86 ? 3   ALA A N   1 
ATOM   20 C CA  . ALA A 1 3 ? 1.163  1.268  -0.137 1.00 3.62 ? 3   ALA A CA  1 
ATOM   21 C C   . ALA A 1 3 ? 2.636  0.915  -0.098 1.00 3.14 ? 3   ALA A C   1 
ATOM   22 O O   . ALA A 1 3 ? 3.110  0.698  1.038  1.00 3.98 ? 3   ALA A O   1 
ATOM   23 C CB  . ALA A 1 3 ? 0.700  2.295  0.783  1.00 2.74 ? 3   ALA A CB  1 
HETATM 24 N N   . OV7 A 1 4 ? 3.367  1.105  -1.208 1.00 3.19 ? 4   OV7 A N   1 
HETATM 25 C CA  . OV7 A 1 4 ? 4.688  0.779  -1.166 1.00 2.31 ? 4   OV7 A CA  1 
HETATM 26 C C   . OV7 A 1 4 ? 5.211  0.137  -2.299 1.00 3.15 ? 4   OV7 A C   1 
HETATM 27 S SB2 . OV7 A 1 4 ? 5.614  2.374  -0.811 1.00 4.27 ? 4   OV7 A SB2 1 
HETATM 28 O OXT . OV7 A 1 4 ? 4.596  0.234  -3.364 1.00 4.45 ? 4   OV7 A OXT 1 
HETATM 29 O O   . OV7 A 1 4 ? 6.246  -0.521 -2.170 1.00 5.07 ? 4   OV7 A O   1 
HETATM 30 C CG3 . OV7 A 1 4 ? 6.671  1.770  0.358  1.00 6.35 ? 4   OV7 A CG3 1 
HETATM 31 C CD  . OV7 A 1 4 ? 7.814  0.800  -0.198 1.00 5.21 ? 4   OV7 A CD  1 
HETATM 32 O OE1 . OV7 A 1 4 ? 7.833  -0.236 0.390  1.00 5.42 ? 4   OV7 A OE1 1 
HETATM 33 O OE2 . OV7 A 1 4 ? 8.749  1.263  -0.963 1.00 6.31 ? 4   OV7 A OE2 1 
HETATM 34 O O   . HOH B 2 . ? -6.019 -3.703 3.140  1.00 8.69 ? 101 HOH A O   1 
# 
loop_
_pdbx_poly_seq_scheme.asym_id 
_pdbx_poly_seq_scheme.entity_id 
_pdbx_poly_seq_scheme.seq_id 
_pdbx_poly_seq_scheme.mon_id 
_pdbx_poly_seq_scheme.ndb_seq_num 
_pdbx_poly_seq_scheme.pdb_seq_num 
_pdbx_poly_seq_scheme.auth_seq_num 
_pdbx_poly_seq_scheme.pdb_mon_id 
_pdbx_poly_seq_scheme.auth_mon_id 
_pdbx_poly_seq_scheme.pdb_strand_id 
_pdbx_poly_seq_scheme.pdb_ins_code 
_pdbx_poly_seq_scheme.hetero 
A 1 1 VAL 1 1 1 VAL VAL A . n 
A 1 2 PHE 2 2 2 PHE PHE A . n 
A 1 3 ALA 3 3 3 ALA ALA A . n 
A 1 4 OV7 4 4 4 OV7 XXX A . n 
# 
_pdbx_nonpoly_scheme.asym_id         B 
_pdbx_nonpoly_scheme.entity_id       2 
_pdbx_nonpoly_scheme.mon_id          HOH 
_pdbx_nonpoly_scheme.ndb_seq_num     1 
_pdbx_nonpoly_scheme.pdb_seq_num     101 
_pdbx_nonpoly_scheme.auth_seq_num    1 
_pdbx_nonpoly_scheme.pdb_mon_id      HOH 
_pdbx_nonpoly_scheme.auth_mon_id     HOH 
_pdbx_nonpoly_scheme.pdb_strand_id   A 
_pdbx_nonpoly_scheme.pdb_ins_code    . 
# 
_pdbx_struct_assembly.id                   1 
_pdbx_struct_assembly.details              author_and_software_defined_assembly 
_pdbx_struct_assembly.method_details       PISA 
_pdbx_struct_assembly.oligomeric_details   monomeric 
_pdbx_struct_assembly.oligomeric_count     1 
# 
_pdbx_struct_assembly_gen.assembly_id       1 
_pdbx_struct_assembly_gen.oper_expression   1 
_pdbx_struct_assembly_gen.asym_id_list      A,B 
# 
loop_
_pdbx_struct_assembly_prop.biol_id 
_pdbx_struct_assembly_prop.type 
_pdbx_struct_assembly_prop.value 
_pdbx_struct_assembly_prop.details 
1 'ABSA (A^2)' 0   ? 
1 MORE         0   ? 
1 'SSA (A^2)'  650 ? 
# 
_pdbx_struct_oper_list.id                   1 
_pdbx_struct_oper_list.type                 'identity operation' 
_pdbx_struct_oper_list.name                 1_555 
_pdbx_struct_oper_list.symmetry_operation   x,y,z 
_pdbx_struct_oper_list.matrix[1][1]         1.0000000000 
_pdbx_struct_oper_list.matrix[1][2]         0.0000000000 
_pdbx_struct_oper_list.matrix[1][3]         0.0000000000 
_pdbx_struct_oper_list.vector[1]            0.0000000000 
_pdbx_struct_oper_list.matrix[2][1]         0.0000000000 
_pdbx_struct_oper_list.matrix[2][2]         1.0000000000 
_pdbx_struct_oper_list.matrix[2][3]         0.0000000000 
_pdbx_struct_oper_list.vector[2]            0.0000000000 
_pdbx_struct_oper_list.matrix[3][1]         0.0000000000 
_pdbx_struct_oper_list.matrix[3][2]         0.0000000000 
_pdbx_struct_oper_list.matrix[3][3]         1.0000000000 
_pdbx_struct_oper_list.vector[3]            0.0000000000 
# 
loop_
_pdbx_audit_revision_history.ordinal 
_pdbx_audit_revision_history.data_content_type 
_pdbx_audit_revision_history.major_revision 
_pdbx_audit_revision_history.minor_revision 
_pdbx_audit_revision_history.revision_date 
1 'Structure model' 1 0 2019-08-07 
2 'Structure model' 1 1 2019-12-18 
3 'Structure model' 2 0 2023-11-15 
# 
_pdbx_audit_revision_details.ordinal             1 
_pdbx_audit_revision_details.revision_ordinal    1 
_pdbx_audit_revision_details.data_content_type   'Structure model' 
_pdbx_audit_revision_details.provider            repository 
_pdbx_audit_revision_details.type                'Initial release' 
_pdbx_audit_revision_details.description         ? 
_pdbx_audit_revision_details.details             ? 
# 
loop_
_pdbx_audit_revision_group.ordinal 
_pdbx_audit_revision_group.revision_ordinal 
_pdbx_audit_revision_group.data_content_type 
_pdbx_audit_revision_group.group 
1 2 'Structure model' 'Author supporting evidence' 
2 3 'Structure model' 'Atomic model'               
3 3 'Structure model' 'Data collection'            
4 3 'Structure model' 'Database references'        
5 3 'Structure model' 'Derived calculations'       
# 
loop_
_pdbx_audit_revision_category.ordinal 
_pdbx_audit_revision_category.revision_ordinal 
_pdbx_audit_revision_category.data_content_type 
_pdbx_audit_revision_category.category 
1 2 'Structure model' pdbx_audit_support 
2 3 'Structure model' atom_site          
3 3 'Structure model' chem_comp_atom     
4 3 'Structure model' chem_comp_bond     
5 3 'Structure model' database_2         
6 3 'Structure model' struct_conn        
# 
loop_
_pdbx_audit_revision_item.ordinal 
_pdbx_audit_revision_item.revision_ordinal 
_pdbx_audit_revision_item.data_content_type 
_pdbx_audit_revision_item.item 
1 2 'Structure model' '_pdbx_audit_support.funding_organization' 
2 3 'Structure model' '_atom_site.auth_atom_id'                  
3 3 'Structure model' '_atom_site.label_atom_id'                 
4 3 'Structure model' '_database_2.pdbx_DOI'                     
5 3 'Structure model' '_database_2.pdbx_database_accession'      
6 3 'Structure model' '_struct_conn.pdbx_leaving_atom_flag'      
# 
loop_
_space_group_symop.id 
_space_group_symop.operation_xyz 
1 x,y,z       
2 -x,y+1/2,-z 
# 
_software.citation_id            ? 
_software.classification         refinement 
_software.compiler_name          ? 
_software.compiler_version       ? 
_software.contact_author         ? 
_software.contact_author_email   ? 
_software.date                   ? 
_software.description            ? 
_software.dependencies           ? 
_software.hardware               ? 
_software.language               ? 
_software.location               ? 
_software.mods                   ? 
_software.name                   SHELX 
_software.os                     ? 
_software.os_version             ? 
_software.type                   ? 
_software.version                . 
_software.pdbx_ordinal           1 
# 
_em_3d_fitting.entry_id          6PO6 
_em_3d_fitting.id                1 
_em_3d_fitting.details           ? 
_em_3d_fitting.overall_b_value   3.746 
_em_3d_fitting.ref_protocol      'AB INITIO MODEL' 
_em_3d_fitting.ref_space         RECIPROCAL 
_em_3d_fitting.target_criteria   ? 
_em_3d_fitting.method            ? 
# 
_em_3d_reconstruction.entry_id                    6PO6 
_em_3d_reconstruction.id                          1 
_em_3d_reconstruction.algorithm                   ? 
_em_3d_reconstruction.details                     ? 
_em_3d_reconstruction.refinement_type             ? 
_em_3d_reconstruction.image_processing_id         1 
_em_3d_reconstruction.num_class_averages          ? 
_em_3d_reconstruction.num_particles               ? 
_em_3d_reconstruction.resolution                  ? 
_em_3d_reconstruction.resolution_method           'DIFFRACTION PATTERN/LAYERLINES' 
_em_3d_reconstruction.symmetry_type               '3D CRYSTAL' 
_em_3d_reconstruction.method                      ? 
_em_3d_reconstruction.nominal_pixel_size          ? 
_em_3d_reconstruction.actual_pixel_size           ? 
_em_3d_reconstruction.magnification_calibration   ? 
# 
_em_buffer.id            1 
_em_buffer.details       ? 
_em_buffer.pH            7.0 
_em_buffer.specimen_id   1 
_em_buffer.name          ? 
# 
_em_entity_assembly.id                   1 
_em_entity_assembly.parent_id            0 
_em_entity_assembly.details              ? 
_em_entity_assembly.name                 VAL-PHE-ALA-ThiaGLU 
_em_entity_assembly.source               NATURAL 
_em_entity_assembly.type                 COMPLEX 
_em_entity_assembly.entity_id_list       1 
_em_entity_assembly.synonym              ? 
_em_entity_assembly.oligomeric_details   ? 
# 
_em_image_scans.entry_id                6PO6 
_em_image_scans.id                      1 
_em_image_scans.dimension_height        2048 
_em_image_scans.dimension_width         2048 
_em_image_scans.frames_per_image        ? 
_em_image_scans.image_recording_id      1 
_em_image_scans.sampling_size           28 
_em_image_scans.scanner_model           ? 
_em_image_scans.used_frames_per_image   ? 
_em_image_scans.citation_id             ? 
_em_image_scans.number_digital_images   ? 
_em_image_scans.od_range                ? 
_em_image_scans.quant_bit_size          ? 
_em_image_scans.details                 ? 
# 
_em_imaging.id                              1 
_em_imaging.entry_id                        6PO6 
_em_imaging.accelerating_voltage            200 
_em_imaging.alignment_procedure             ? 
_em_imaging.c2_aperture_diameter            ? 
_em_imaging.calibrated_defocus_max          ? 
_em_imaging.calibrated_defocus_min          ? 
_em_imaging.calibrated_magnification        ? 
_em_imaging.cryogen                         NITROGEN 
_em_imaging.details                         ? 
_em_imaging.electron_source                 'FIELD EMISSION GUN' 
_em_imaging.illumination_mode               OTHER 
_em_imaging.microscope_model                'FEI TALOS ARCTICA' 
_em_imaging.mode                            DIFFRACTION 
_em_imaging.nominal_cs                      ? 
_em_imaging.nominal_defocus_max             ? 
_em_imaging.nominal_defocus_min             ? 
_em_imaging.nominal_magnification           ? 
_em_imaging.recording_temperature_maximum   100 
_em_imaging.recording_temperature_minimum   77 
_em_imaging.residual_tilt                   ? 
_em_imaging.specimen_holder_model           'FEI TITAN KRIOS AUTOGRID HOLDER' 
_em_imaging.specimen_id                     1 
_em_imaging.citation_id                     ? 
_em_imaging.date                            ? 
_em_imaging.temperature                     ? 
_em_imaging.tilt_angle_min                  ? 
_em_imaging.tilt_angle_max                  ? 
_em_imaging.astigmatism                     ? 
_em_imaging.detector_distance               ? 
_em_imaging.electron_beam_tilt_params       ? 
_em_imaging.specimen_holder_type            ? 
# 
_em_sample_support.id               1 
_em_sample_support.specimen_id      1 
_em_sample_support.details          ? 
_em_sample_support.grid_material    COPPER 
_em_sample_support.grid_mesh_size   300 
_em_sample_support.grid_type        'Quantifoil R1.2/1.3' 
_em_sample_support.method           ? 
_em_sample_support.film_material    ? 
# 
_em_vitrification.id                    1 
_em_vitrification.specimen_id           1 
_em_vitrification.chamber_temperature   ? 
_em_vitrification.cryogen_name          NITROGEN 
_em_vitrification.details               ? 
_em_vitrification.humidity              ? 
_em_vitrification.instrument            'HOMEMADE PLUNGER' 
_em_vitrification.entry_id              6PO6 
_em_vitrification.citation_id           ? 
_em_vitrification.method                ? 
_em_vitrification.temp                  ? 
_em_vitrification.time_resolved_state   ? 
# 
_em_experiment.entry_id                6PO6 
_em_experiment.id                      1 
_em_experiment.aggregation_state       '3D ARRAY' 
_em_experiment.reconstruction_method   CRYSTALLOGRAPHY 
_em_experiment.entity_assembly_id      1 
# 
loop_
_pdbx_validate_rmsd_bond.id 
_pdbx_validate_rmsd_bond.PDB_model_num 
_pdbx_validate_rmsd_bond.auth_atom_id_1 
_pdbx_validate_rmsd_bond.auth_asym_id_1 
_pdbx_validate_rmsd_bond.auth_comp_id_1 
_pdbx_validate_rmsd_bond.auth_seq_id_1 
_pdbx_validate_rmsd_bond.PDB_ins_code_1 
_pdbx_validate_rmsd_bond.label_alt_id_1 
_pdbx_validate_rmsd_bond.auth_atom_id_2 
_pdbx_validate_rmsd_bond.auth_asym_id_2 
_pdbx_validate_rmsd_bond.auth_comp_id_2 
_pdbx_validate_rmsd_bond.auth_seq_id_2 
_pdbx_validate_rmsd_bond.PDB_ins_code_2 
_pdbx_validate_rmsd_bond.label_alt_id_2 
_pdbx_validate_rmsd_bond.bond_value 
_pdbx_validate_rmsd_bond.bond_target_value 
_pdbx_validate_rmsd_bond.bond_deviation 
_pdbx_validate_rmsd_bond.bond_standard_deviation 
_pdbx_validate_rmsd_bond.linker_flag 
1 1 CA  A VAL 1 ? ? CB  A VAL 1 ? ? 1.307 1.543 -0.236 0.021 N 
2 1 CG  A PHE 2 ? ? CD2 A PHE 2 ? ? 1.239 1.383 -0.144 0.015 N 
3 1 CD1 A PHE 2 ? ? CE1 A PHE 2 ? ? 1.530 1.388 0.142  0.020 N 
# 
loop_
_pdbx_validate_rmsd_angle.id 
_pdbx_validate_rmsd_angle.PDB_model_num 
_pdbx_validate_rmsd_angle.auth_atom_id_1 
_pdbx_validate_rmsd_angle.auth_asym_id_1 
_pdbx_validate_rmsd_angle.auth_comp_id_1 
_pdbx_validate_rmsd_angle.auth_seq_id_1 
_pdbx_validate_rmsd_angle.PDB_ins_code_1 
_pdbx_validate_rmsd_angle.label_alt_id_1 
_pdbx_validate_rmsd_angle.auth_atom_id_2 
_pdbx_validate_rmsd_angle.auth_asym_id_2 
_pdbx_validate_rmsd_angle.auth_comp_id_2 
_pdbx_validate_rmsd_angle.auth_seq_id_2 
_pdbx_validate_rmsd_angle.PDB_ins_code_2 
_pdbx_validate_rmsd_angle.label_alt_id_2 
_pdbx_validate_rmsd_angle.auth_atom_id_3 
_pdbx_validate_rmsd_angle.auth_asym_id_3 
_pdbx_validate_rmsd_angle.auth_comp_id_3 
_pdbx_validate_rmsd_angle.auth_seq_id_3 
_pdbx_validate_rmsd_angle.PDB_ins_code_3 
_pdbx_validate_rmsd_angle.label_alt_id_3 
_pdbx_validate_rmsd_angle.angle_value 
_pdbx_validate_rmsd_angle.angle_target_value 
_pdbx_validate_rmsd_angle.angle_deviation 
_pdbx_validate_rmsd_angle.angle_standard_deviation 
_pdbx_validate_rmsd_angle.linker_flag 
1 1 CB A PHE 2 ? ? CG  A PHE 2 ? ? CD1 A PHE 2 ? ? 114.26 120.80 -6.54  0.70 N 
2 1 CG A PHE 2 ? ? CD1 A PHE 2 ? ? CE1 A PHE 2 ? ? 110.02 120.80 -10.78 1.10 N 
3 1 CG A PHE 2 ? ? CD2 A PHE 2 ? ? CE2 A PHE 2 ? ? 129.58 120.80 8.78   1.10 N 
4 1 CZ A PHE 2 ? ? CE2 A PHE 2 ? ? CD2 A PHE 2 ? ? 108.06 120.10 -12.04 1.20 N 
# 
loop_
_chem_comp_atom.comp_id 
_chem_comp_atom.atom_id 
_chem_comp_atom.type_symbol 
_chem_comp_atom.pdbx_aromatic_flag 
_chem_comp_atom.pdbx_stereo_config 
_chem_comp_atom.pdbx_ordinal 
ALA N    N N N 1  
ALA CA   C N S 2  
ALA C    C N N 3  
ALA O    O N N 4  
ALA CB   C N N 5  
ALA OXT  O N N 6  
ALA H    H N N 7  
ALA H2   H N N 8  
ALA HA   H N N 9  
ALA HB1  H N N 10 
ALA HB2  H N N 11 
ALA HB3  H N N 12 
ALA HXT  H N N 13 
HOH O    O N N 14 
HOH H1   H N N 15 
HOH H2   H N N 16 
OV7 N    N N N 17 
OV7 CA   C N R 18 
OV7 C    C N N 19 
OV7 SB2  S N N 20 
OV7 OXT  O N N 21 
OV7 O    O N N 22 
OV7 CG3  C N N 23 
OV7 CD   C N N 24 
OV7 OE1  O N N 25 
OV7 OE2  O N N 26 
OV7 H    H N N 27 
OV7 H2   H N N 28 
OV7 HA   H N N 29 
OV7 HXT  H N N 30 
OV7 H6   H N N 31 
OV7 H7   H N N 32 
OV7 H8   H N N 33 
PHE N    N N N 34 
PHE CA   C N S 35 
PHE C    C N N 36 
PHE O    O N N 37 
PHE CB   C N N 38 
PHE CG   C Y N 39 
PHE CD1  C Y N 40 
PHE CD2  C Y N 41 
PHE CE1  C Y N 42 
PHE CE2  C Y N 43 
PHE CZ   C Y N 44 
PHE OXT  O N N 45 
PHE H    H N N 46 
PHE H2   H N N 47 
PHE HA   H N N 48 
PHE HB2  H N N 49 
PHE HB3  H N N 50 
PHE HD1  H N N 51 
PHE HD2  H N N 52 
PHE HE1  H N N 53 
PHE HE2  H N N 54 
PHE HZ   H N N 55 
PHE HXT  H N N 56 
VAL N    N N N 57 
VAL CA   C N S 58 
VAL C    C N N 59 
VAL O    O N N 60 
VAL CB   C N N 61 
VAL CG1  C N N 62 
VAL CG2  C N N 63 
VAL OXT  O N N 64 
VAL H    H N N 65 
VAL H2   H N N 66 
VAL HA   H N N 67 
VAL HB   H N N 68 
VAL HG11 H N N 69 
VAL HG12 H N N 70 
VAL HG13 H N N 71 
VAL HG21 H N N 72 
VAL HG22 H N N 73 
VAL HG23 H N N 74 
VAL HXT  H N N 75 
# 
loop_
_chem_comp_bond.comp_id 
_chem_comp_bond.atom_id_1 
_chem_comp_bond.atom_id_2 
_chem_comp_bond.value_order 
_chem_comp_bond.pdbx_aromatic_flag 
_chem_comp_bond.pdbx_stereo_config 
_chem_comp_bond.pdbx_ordinal 
ALA N   CA   sing N N 1  
ALA N   H    sing N N 2  
ALA N   H2   sing N N 3  
ALA CA  C    sing N N 4  
ALA CA  CB   sing N N 5  
ALA CA  HA   sing N N 6  
ALA C   O    doub N N 7  
ALA C   OXT  sing N N 8  
ALA CB  HB1  sing N N 9  
ALA CB  HB2  sing N N 10 
ALA CB  HB3  sing N N 11 
ALA OXT HXT  sing N N 12 
HOH O   H1   sing N N 13 
HOH O   H2   sing N N 14 
OV7 OE2 CD   doub N N 15 
OV7 CD  CG3  sing N N 16 
OV7 CD  OE1  sing N N 17 
OV7 CG3 SB2  sing N N 18 
OV7 SB2 CA   sing N N 19 
OV7 O   C    doub N N 20 
OV7 C   CA   sing N N 21 
OV7 C   OXT  sing N N 22 
OV7 CA  N    sing N N 23 
OV7 N   H    sing N N 24 
OV7 N   H2   sing N N 25 
OV7 CA  HA   sing N N 26 
OV7 OXT HXT  sing N N 27 
OV7 CG3 H6   sing N N 28 
OV7 CG3 H7   sing N N 29 
OV7 OE1 H8   sing N N 30 
PHE N   CA   sing N N 31 
PHE N   H    sing N N 32 
PHE N   H2   sing N N 33 
PHE CA  C    sing N N 34 
PHE CA  CB   sing N N 35 
PHE CA  HA   sing N N 36 
PHE C   O    doub N N 37 
PHE C   OXT  sing N N 38 
PHE CB  CG   sing N N 39 
PHE CB  HB2  sing N N 40 
PHE CB  HB3  sing N N 41 
PHE CG  CD1  doub Y N 42 
PHE CG  CD2  sing Y N 43 
PHE CD1 CE1  sing Y N 44 
PHE CD1 HD1  sing N N 45 
PHE CD2 CE2  doub Y N 46 
PHE CD2 HD2  sing N N 47 
PHE CE1 CZ   doub Y N 48 
PHE CE1 HE1  sing N N 49 
PHE CE2 CZ   sing Y N 50 
PHE CE2 HE2  sing N N 51 
PHE CZ  HZ   sing N N 52 
PHE OXT HXT  sing N N 53 
VAL N   CA   sing N N 54 
VAL N   H    sing N N 55 
VAL N   H2   sing N N 56 
VAL CA  C    sing N N 57 
VAL CA  CB   sing N N 58 
VAL CA  HA   sing N N 59 
VAL C   O    doub N N 60 
VAL C   OXT  sing N N 61 
VAL CB  CG1  sing N N 62 
VAL CB  CG2  sing N N 63 
VAL CB  HB   sing N N 64 
VAL CG1 HG11 sing N N 65 
VAL CG1 HG12 sing N N 66 
VAL CG1 HG13 sing N N 67 
VAL CG2 HG21 sing N N 68 
VAL CG2 HG22 sing N N 69 
VAL CG2 HG23 sing N N 70 
VAL OXT HXT  sing N N 71 
# 
_em_3d_crystal_entity.id                    1 
_em_3d_crystal_entity.image_processing_id   1 
_em_3d_crystal_entity.angle_alpha           90 
_em_3d_crystal_entity.angle_beta            94 
_em_3d_crystal_entity.angle_gamma           90 
_em_3d_crystal_entity.length_a              9.660 
_em_3d_crystal_entity.length_b              9.580 
_em_3d_crystal_entity.length_c              12.140 
_em_3d_crystal_entity.space_group_name      4 
_em_3d_crystal_entity.space_group_num       4 
# 
_em_ctf_correction.id                       1 
_em_ctf_correction.em_image_processing_id   1 
_em_ctf_correction.type                     NONE 
_em_ctf_correction.details                  ? 
# 
_em_diffraction.id                1 
_em_diffraction.camera_length     1100 
_em_diffraction.imaging_id        1 
_em_diffraction.tilt_angle_list   ? 
# 
_em_diffraction_shell.id                        1 
_em_diffraction_shell.em_diffraction_stats_id   1 
_em_diffraction_shell.fourier_space_coverage    92.8 
_em_diffraction_shell.high_resolution           0.9 
_em_diffraction_shell.low_resolution            0.93 
_em_diffraction_shell.multiplicity              2.25 
_em_diffraction_shell.num_structure_factors     642 
_em_diffraction_shell.phase_residual            15 
# 
_em_diffraction_stats.id                               1 
_em_diffraction_stats.details                          ? 
_em_diffraction_stats.image_processing_id              1 
_em_diffraction_stats.fourier_space_coverage           95.4 
_em_diffraction_stats.high_resolution                  0.9 
_em_diffraction_stats.num_intensities_measured         7590 
_em_diffraction_stats.num_structure_factors            3047 
_em_diffraction_stats.overall_phase_error              0 
_em_diffraction_stats.overall_phase_residual           15 
_em_diffraction_stats.phase_error_rejection_criteria   0 
_em_diffraction_stats.r_merge                          23.5 
_em_diffraction_stats.r_sym                            23.5 
# 
_em_entity_assembly_naturalsource.id                   1 
_em_entity_assembly_naturalsource.entity_assembly_id   1 
_em_entity_assembly_naturalsource.cell                 ? 
_em_entity_assembly_naturalsource.cellular_location    ? 
_em_entity_assembly_naturalsource.ncbi_tax_id          317 
_em_entity_assembly_naturalsource.organ                ? 
_em_entity_assembly_naturalsource.organelle            ? 
_em_entity_assembly_naturalsource.organism             'Pseudomonas syringae' 
_em_entity_assembly_naturalsource.strain               ? 
_em_entity_assembly_naturalsource.tissue               ? 
# 
_em_image_processing.id                   1 
_em_image_processing.image_recording_id   1 
_em_image_processing.details              ? 
# 
_em_image_recording.id                            1 
_em_image_recording.imaging_id                    1 
_em_image_recording.avg_electron_dose_per_image   0.01 
_em_image_recording.average_exposure_time         1 
_em_image_recording.details                       ? 
_em_image_recording.detector_mode                 ? 
_em_image_recording.film_or_detector_model        'FEI FALCON III (4k x 4k)' 
_em_image_recording.num_diffraction_images        ? 
_em_image_recording.num_grids_imaged              1 
_em_image_recording.num_real_images               ? 
# 
loop_
_em_software.id 
_em_software.category 
_em_software.details 
_em_software.name 
_em_software.version 
_em_software.image_processing_id 
_em_software.fitting_id 
_em_software.imaging_id 
1  'IMAGE ACQUISITION'             ? ? ? ? ? 1 
2  MASKING                         ? ? ? ? ? ? 
3  'CTF CORRECTION'                ? ? ? 1 ? ? 
4  'LAYERLINE INDEXING'            ? ? ? ? ? ? 
5  'DIFFRACTION INDEXING'          ? ? ? ? ? ? 
6  'MODEL FITTING'                 ? ? ? ? 1 ? 
7  OTHER                           ? ? ? ? ? ? 
8  'MOLECULAR REPLACEMENT'         ? ? ? 1 ? ? 
9  'LATTICE DISTORTION CORRECTION' ? ? ? 1 ? ? 
10 'SYMMETRY DETERMINATION'        ? ? ? 1 ? ? 
11 'CRYSTALLOGRAPHY MERGING'       ? ? ? 1 ? ? 
12 RECONSTRUCTION                  ? ? ? 1 ? ? 
13 'MODEL REFINEMENT'              ? ? ? ? 1 ? 
# 
_em_specimen.id                      1 
_em_specimen.experiment_id           1 
_em_specimen.concentration           ? 
_em_specimen.details                 ? 
_em_specimen.embedding_applied       NO 
_em_specimen.shadowing_applied       NO 
_em_specimen.staining_applied        NO 
_em_specimen.vitrification_applied   YES 
# 
loop_
_pdbx_audit_support.funding_organization 
_pdbx_audit_support.country 
_pdbx_audit_support.grant_number 
_pdbx_audit_support.ordinal 
'National Institutes of Health/National Human Genome Research Institute (NIH/NHGRI)' 'United States' 'R37 GM058822' 1 
'National Institutes of Health/National Human Genome Research Institute (NIH/NHGRI)' 'United States' 'F32 GM129944' 2 
'National Institutes of Health/National Human Genome Research Institute (NIH/NHGRI)' 'United States' 'F32 GM120868' 3 
# 
_pdbx_entity_nonpoly.entity_id   2 
_pdbx_entity_nonpoly.name        water 
_pdbx_entity_nonpoly.comp_id     HOH 
# 
_pdbx_struct_assembly_auth_evidence.id                     1 
_pdbx_struct_assembly_auth_evidence.assembly_id            1 
_pdbx_struct_assembly_auth_evidence.experimental_support   none 
_pdbx_struct_assembly_auth_evidence.details                ? 
# 
_space_group.crystal_system   monoclinic 
_space_group.name_H-M_alt     'P 1 21 1' 
_space_group.IT_number        4 
_space_group.name_Hall        'P 2yb' 
_space_group.id               1 
# 
